data_9CU8
#
_entry.id   9CU8
#
_cell.length_a   35.071
_cell.length_b   74.621
_cell.length_c   104.973
_cell.angle_alpha   90.00
_cell.angle_beta   90.00
_cell.angle_gamma   90.00
#
_symmetry.space_group_name_H-M   'P 21 21 21'
#
loop_
_entity.id
_entity.type
_entity.pdbx_description
1 polymer TNFR2_mb1
2 polymer 'Tumor necrosis factor receptor superfamily member 1B'
3 water water
#
loop_
_entity_poly.entity_id
_entity_poly.type
_entity_poly.pdbx_seq_one_letter_code
_entity_poly.pdbx_strand_id
1 'polypeptide(L)'
;LNPEQVAKIGAAIDAGRKYLDAKIEEAKKTLTLRTAQALLVIRSQYERAVDTLFTDPSAAEKELAATLATIDRLLKEHPE
LAAEIKAFIRSTMAEIRALLAASLAA
;
A
2 'polypeptide(L)'
;LPAQVAFTPYAPEPGSTCRLREYYDQTAQMCCSKCSPGQHAKVFCTKTSDTVCDSCEDSTYTQLWNWVPECLSCGSRCSS
DQVETQACTREQNRICTCRPGWYCALSKQEGCRLCAPLRKCRPGFGVARPGTETSDVVCKPCAPGTFSNTTSSTDICRPH
QICNVVAIPGNASMDAVCTSTSPTRSMAPG
;
B
#
# COMPACT_ATOMS: atom_id res chain seq x y z
N LEU A 1 -11.24 8.20 14.75
CA LEU A 1 -11.14 6.75 14.79
C LEU A 1 -10.38 6.25 16.03
N ASN A 2 -11.02 5.41 16.83
CA ASN A 2 -10.35 4.77 17.95
C ASN A 2 -9.70 3.47 17.49
N PRO A 3 -8.81 2.88 18.29
CA PRO A 3 -8.10 1.68 17.83
C PRO A 3 -9.01 0.52 17.41
N GLU A 4 -10.21 0.39 17.98
CA GLU A 4 -11.08 -0.69 17.54
C GLU A 4 -11.57 -0.46 16.13
N GLN A 5 -12.02 0.76 15.84
CA GLN A 5 -12.52 1.08 14.51
C GLN A 5 -11.42 0.94 13.46
N VAL A 6 -10.21 1.43 13.77
CA VAL A 6 -9.11 1.34 12.82
C VAL A 6 -8.81 -0.12 12.51
N ALA A 7 -8.84 -0.98 13.54
CA ALA A 7 -8.56 -2.39 13.32
C ALA A 7 -9.61 -3.03 12.42
N LYS A 8 -10.89 -2.70 12.63
CA LYS A 8 -11.94 -3.22 11.75
C LYS A 8 -11.80 -2.70 10.33
N ILE A 9 -11.46 -1.42 10.18
CA ILE A 9 -11.24 -0.86 8.85
C ILE A 9 -10.05 -1.53 8.18
N GLY A 10 -8.94 -1.67 8.91
CA GLY A 10 -7.77 -2.33 8.32
C GLY A 10 -8.06 -3.76 7.90
N ALA A 11 -8.85 -4.48 8.70
CA ALA A 11 -9.15 -5.87 8.39
C ALA A 11 -9.94 -5.99 7.08
N ALA A 12 -10.85 -5.05 6.83
CA ALA A 12 -11.60 -5.02 5.58
C ALA A 12 -10.69 -4.74 4.39
N ILE A 13 -9.78 -3.77 4.54
CA ILE A 13 -8.85 -3.46 3.45
C ILE A 13 -7.98 -4.67 3.13
N ASP A 14 -7.45 -5.32 4.17
CA ASP A 14 -6.61 -6.50 3.95
C ASP A 14 -7.39 -7.61 3.26
N ALA A 15 -8.67 -7.77 3.59
CA ALA A 15 -9.46 -8.80 2.95
C ALA A 15 -9.51 -8.59 1.44
N GLY A 16 -9.70 -7.35 1.00
CA GLY A 16 -9.75 -7.08 -0.44
C GLY A 16 -8.39 -7.30 -1.09
N ARG A 17 -7.33 -6.81 -0.45
CA ARG A 17 -5.98 -7.03 -0.96
C ARG A 17 -5.64 -8.51 -1.03
N LYS A 18 -6.00 -9.26 0.00
CA LYS A 18 -5.63 -10.68 0.04
C LYS A 18 -6.44 -11.48 -0.96
N TYR A 19 -7.71 -11.13 -1.16
CA TYR A 19 -8.49 -11.76 -2.22
C TYR A 19 -7.84 -11.53 -3.59
N LEU A 20 -7.49 -10.27 -3.88
CA LEU A 20 -6.84 -9.99 -5.15
C LEU A 20 -5.55 -10.75 -5.31
N ASP A 21 -4.74 -10.86 -4.24
CA ASP A 21 -3.49 -11.61 -4.34
C ASP A 21 -3.74 -13.10 -4.59
N ALA A 22 -4.82 -13.64 -4.02
CA ALA A 22 -5.14 -15.04 -4.26
C ALA A 22 -5.61 -15.26 -5.70
N LYS A 23 -6.33 -14.29 -6.27
CA LYS A 23 -6.72 -14.39 -7.67
C LYS A 23 -5.50 -14.32 -8.57
N ILE A 24 -4.51 -13.52 -8.18
CA ILE A 24 -3.25 -13.46 -8.94
C ILE A 24 -2.53 -14.80 -8.88
N GLU A 25 -2.40 -15.36 -7.67
CA GLU A 25 -1.74 -16.64 -7.51
C GLU A 25 -2.48 -17.74 -8.29
N GLU A 26 -3.80 -17.67 -8.32
CA GLU A 26 -4.59 -18.64 -9.09
C GLU A 26 -4.30 -18.52 -10.58
N ALA A 27 -4.26 -17.29 -11.09
CA ALA A 27 -3.92 -17.11 -12.50
C ALA A 27 -2.52 -17.60 -12.79
N LYS A 28 -1.58 -17.44 -11.84
CA LYS A 28 -0.23 -17.93 -12.03
C LYS A 28 -0.20 -19.46 -12.03
N LYS A 29 -0.92 -20.10 -11.10
CA LYS A 29 -0.92 -21.56 -11.04
C LYS A 29 -1.54 -22.21 -12.26
N THR A 30 -2.56 -21.58 -12.85
CA THR A 30 -3.16 -22.06 -14.10
C THR A 30 -2.45 -21.54 -15.33
N LEU A 31 -1.37 -20.76 -15.16
CA LEU A 31 -0.57 -20.26 -16.26
C LEU A 31 -1.37 -19.33 -17.19
N THR A 32 -2.39 -18.65 -16.66
CA THR A 32 -3.06 -17.61 -17.45
C THR A 32 -2.40 -16.29 -17.07
N LEU A 33 -1.20 -16.10 -17.61
CA LEU A 33 -0.35 -15.01 -17.13
C LEU A 33 -0.85 -13.64 -17.60
N ARG A 34 -1.50 -13.56 -18.76
CA ARG A 34 -2.06 -12.28 -19.18
C ARG A 34 -3.16 -11.82 -18.25
N THR A 35 -3.93 -12.77 -17.68
CA THR A 35 -4.91 -12.42 -16.65
C THR A 35 -4.24 -12.00 -15.35
N ALA A 36 -3.15 -12.68 -14.97
CA ALA A 36 -2.39 -12.25 -13.80
C ALA A 36 -1.89 -10.83 -13.95
N GLN A 37 -1.46 -10.45 -15.16
CA GLN A 37 -1.00 -9.08 -15.41
C GLN A 37 -2.14 -8.08 -15.25
N ALA A 38 -3.33 -8.41 -15.79
CA ALA A 38 -4.48 -7.53 -15.64
C ALA A 38 -4.85 -7.36 -14.18
N LEU A 39 -4.74 -8.43 -13.40
CA LEU A 39 -5.09 -8.36 -11.98
C LEU A 39 -4.10 -7.49 -11.19
N LEU A 40 -2.82 -7.47 -11.57
CA LEU A 40 -1.89 -6.53 -10.97
C LEU A 40 -2.35 -5.10 -11.16
N VAL A 41 -2.84 -4.77 -12.35
CA VAL A 41 -3.31 -3.40 -12.60
C VAL A 41 -4.52 -3.09 -11.74
N ILE A 42 -5.48 -4.02 -11.70
CA ILE A 42 -6.68 -3.82 -10.90
C ILE A 42 -6.31 -3.65 -9.44
N ARG A 43 -5.35 -4.45 -8.97
CA ARG A 43 -4.92 -4.31 -7.58
C ARG A 43 -4.37 -2.91 -7.30
N SER A 44 -3.60 -2.35 -8.24
CA SER A 44 -3.03 -1.01 -8.02
C SER A 44 -4.11 0.04 -7.92
N GLN A 45 -5.19 -0.10 -8.70
CA GLN A 45 -6.26 0.88 -8.64
C GLN A 45 -7.12 0.71 -7.40
N TYR A 46 -7.34 -0.55 -6.96
CA TYR A 46 -7.95 -0.79 -5.66
C TYR A 46 -7.20 -0.07 -4.55
N GLU A 47 -5.86 -0.19 -4.55
CA GLU A 47 -5.08 0.49 -3.51
C GLU A 47 -5.28 2.00 -3.55
N ARG A 48 -5.28 2.58 -4.75
CA ARG A 48 -5.52 4.02 -4.88
C ARG A 48 -6.93 4.40 -4.40
N ALA A 49 -7.93 3.60 -4.76
CA ALA A 49 -9.30 3.88 -4.35
C ALA A 49 -9.46 3.79 -2.84
N VAL A 50 -8.75 2.85 -2.21
CA VAL A 50 -8.79 2.77 -0.73
C VAL A 50 -8.08 3.99 -0.12
N ASP A 51 -6.90 4.34 -0.65
CA ASP A 51 -6.17 5.52 -0.18
C ASP A 51 -7.09 6.73 -0.10
N THR A 52 -7.90 6.92 -1.13
CA THR A 52 -8.64 8.18 -1.26
C THR A 52 -9.73 8.31 -0.20
N LEU A 53 -10.23 7.19 0.32
CA LEU A 53 -11.16 7.26 1.45
C LEU A 53 -10.59 8.01 2.64
N PHE A 54 -9.26 8.00 2.77
CA PHE A 54 -8.58 8.67 3.87
C PHE A 54 -7.91 9.97 3.48
N THR A 55 -7.39 10.08 2.25
CA THR A 55 -6.67 11.29 1.88
C THR A 55 -7.57 12.35 1.27
N ASP A 56 -8.60 11.96 0.52
CA ASP A 56 -9.52 12.91 -0.10
C ASP A 56 -10.87 12.23 -0.33
N PRO A 57 -11.71 12.18 0.70
CA PRO A 57 -13.03 11.55 0.55
C PRO A 57 -13.89 12.10 -0.58
N SER A 58 -13.66 13.34 -1.02
CA SER A 58 -14.47 13.86 -2.10
C SER A 58 -14.18 13.19 -3.44
N ALA A 59 -13.09 12.44 -3.53
CA ALA A 59 -12.72 11.74 -4.76
C ALA A 59 -13.01 10.24 -4.70
N ALA A 60 -13.52 9.73 -3.57
CA ALA A 60 -13.58 8.29 -3.39
C ALA A 60 -14.51 7.62 -4.39
N GLU A 61 -15.72 8.17 -4.58
CA GLU A 61 -16.66 7.51 -5.47
C GLU A 61 -16.15 7.49 -6.90
N LYS A 62 -15.39 8.52 -7.29
CA LYS A 62 -14.82 8.53 -8.63
C LYS A 62 -13.73 7.48 -8.78
N GLU A 63 -12.92 7.27 -7.73
CA GLU A 63 -11.86 6.26 -7.82
C GLU A 63 -12.44 4.86 -7.78
N LEU A 64 -13.53 4.65 -7.04
CA LEU A 64 -14.19 3.34 -7.07
C LEU A 64 -14.74 3.06 -8.45
N ALA A 65 -15.41 4.06 -9.05
CA ALA A 65 -15.92 3.90 -10.41
C ALA A 65 -14.80 3.55 -11.39
N ALA A 66 -13.65 4.21 -11.26
CA ALA A 66 -12.50 3.92 -12.13
C ALA A 66 -11.95 2.52 -11.91
N THR A 67 -12.05 2.01 -10.68
CA THR A 67 -11.67 0.62 -10.41
C THR A 67 -12.57 -0.35 -11.17
N LEU A 68 -13.89 -0.19 -11.02
CA LEU A 68 -14.82 -1.11 -11.68
C LEU A 68 -14.72 -1.02 -13.19
N ALA A 69 -14.49 0.19 -13.73
CA ALA A 69 -14.28 0.31 -15.17
C ALA A 69 -13.00 -0.36 -15.63
N THR A 70 -11.94 -0.31 -14.81
CA THR A 70 -10.71 -1.02 -15.14
C THR A 70 -10.92 -2.52 -15.17
N ILE A 71 -11.70 -3.04 -14.21
CA ILE A 71 -12.04 -4.45 -14.22
C ILE A 71 -12.82 -4.81 -15.49
N ASP A 72 -13.86 -4.01 -15.78
CA ASP A 72 -14.65 -4.23 -17.00
C ASP A 72 -13.77 -4.26 -18.25
N ARG A 73 -12.81 -3.35 -18.32
CA ARG A 73 -12.00 -3.18 -19.53
C ARG A 73 -10.97 -4.29 -19.66
N LEU A 74 -10.19 -4.52 -18.61
CA LEU A 74 -9.09 -5.47 -18.71
C LEU A 74 -9.59 -6.91 -18.78
N LEU A 75 -10.72 -7.21 -18.13
CA LEU A 75 -11.26 -8.56 -18.07
C LEU A 75 -12.52 -8.70 -18.90
N LYS A 76 -12.61 -7.89 -19.96
CA LYS A 76 -13.78 -7.89 -20.84
C LYS A 76 -14.07 -9.27 -21.41
N GLU A 77 -13.04 -10.05 -21.69
CA GLU A 77 -13.20 -11.36 -22.30
C GLU A 77 -13.28 -12.49 -21.27
N HIS A 78 -13.34 -12.16 -19.97
CA HIS A 78 -13.52 -13.16 -18.91
C HIS A 78 -14.63 -12.68 -17.99
N PRO A 79 -15.89 -12.71 -18.46
CA PRO A 79 -16.96 -12.06 -17.69
C PRO A 79 -17.24 -12.72 -16.36
N GLU A 80 -17.05 -14.03 -16.22
CA GLU A 80 -17.26 -14.67 -14.92
C GLU A 80 -16.29 -14.13 -13.89
N LEU A 81 -15.00 -14.11 -14.26
CA LEU A 81 -13.97 -13.57 -13.37
C LEU A 81 -14.21 -12.09 -13.08
N ALA A 82 -14.55 -11.32 -14.12
CA ALA A 82 -14.81 -9.90 -13.94
C ALA A 82 -15.92 -9.65 -12.93
N ALA A 83 -16.97 -10.47 -12.95
CA ALA A 83 -18.07 -10.34 -12.00
C ALA A 83 -17.63 -10.67 -10.58
N GLU A 84 -16.80 -11.69 -10.41
CA GLU A 84 -16.32 -12.02 -9.07
C GLU A 84 -15.50 -10.88 -8.47
N ILE A 85 -14.62 -10.27 -9.25
CA ILE A 85 -13.76 -9.23 -8.69
CA ILE A 85 -13.76 -9.22 -8.72
C ILE A 85 -14.56 -7.97 -8.40
N LYS A 86 -15.44 -7.57 -9.31
CA LYS A 86 -16.28 -6.40 -9.02
C LYS A 86 -17.09 -6.62 -7.76
N ALA A 87 -17.60 -7.84 -7.55
CA ALA A 87 -18.45 -8.07 -6.39
C ALA A 87 -17.65 -8.05 -5.09
N PHE A 88 -16.44 -8.61 -5.10
CA PHE A 88 -15.62 -8.54 -3.90
C PHE A 88 -15.22 -7.10 -3.59
N ILE A 89 -14.79 -6.36 -4.61
CA ILE A 89 -14.36 -4.98 -4.38
C ILE A 89 -15.54 -4.09 -4.00
N ARG A 90 -16.71 -4.28 -4.62
CA ARG A 90 -17.89 -3.50 -4.24
C ARG A 90 -18.25 -3.76 -2.78
N SER A 91 -18.30 -5.03 -2.39
CA SER A 91 -18.67 -5.40 -1.03
C SER A 91 -17.65 -4.90 -0.02
N THR A 92 -16.36 -4.97 -0.36
CA THR A 92 -15.31 -4.48 0.51
C THR A 92 -15.42 -2.97 0.75
N MET A 93 -15.60 -2.21 -0.33
CA MET A 93 -15.67 -0.76 -0.19
C MET A 93 -16.94 -0.34 0.55
N ALA A 94 -18.03 -1.09 0.38
CA ALA A 94 -19.25 -0.79 1.13
C ALA A 94 -19.01 -0.92 2.62
N GLU A 95 -18.26 -1.95 3.03
CA GLU A 95 -17.99 -2.16 4.45
C GLU A 95 -17.08 -1.09 5.03
N ILE A 96 -16.05 -0.69 4.28
CA ILE A 96 -15.16 0.36 4.77
C ILE A 96 -15.92 1.68 4.91
N ARG A 97 -16.69 2.04 3.88
CA ARG A 97 -17.51 3.24 3.94
CA ARG A 97 -17.50 3.24 3.94
C ARG A 97 -18.49 3.19 5.10
N ALA A 98 -19.07 2.02 5.36
CA ALA A 98 -20.01 1.90 6.48
C ALA A 98 -19.31 2.16 7.80
N LEU A 99 -18.12 1.58 8.00
CA LEU A 99 -17.39 1.81 9.23
C LEU A 99 -17.00 3.27 9.38
N LEU A 100 -16.59 3.91 8.27
CA LEU A 100 -16.21 5.32 8.33
C LEU A 100 -17.39 6.19 8.72
N ALA A 101 -18.52 6.04 8.03
CA ALA A 101 -19.70 6.83 8.35
C ALA A 101 -20.13 6.64 9.79
N ALA A 102 -20.08 5.41 10.30
CA ALA A 102 -20.50 5.15 11.66
C ALA A 102 -19.58 5.83 12.67
N SER A 103 -18.28 5.94 12.35
CA SER A 103 -17.35 6.59 13.26
C SER A 103 -17.50 8.11 13.22
N LEU A 104 -17.73 8.69 12.03
CA LEU A 104 -17.94 10.13 11.91
C LEU A 104 -19.26 10.58 12.52
N ALA A 105 -20.23 9.68 12.64
CA ALA A 105 -21.53 10.01 13.22
C ALA A 105 -21.53 9.93 14.74
N ALA A 106 -20.43 9.51 15.35
CA ALA A 106 -20.33 9.45 16.81
C ALA A 106 -19.50 10.61 17.36
N LEU B 1 19.13 -3.56 -38.15
CA LEU B 1 19.76 -4.85 -37.83
C LEU B 1 20.05 -5.65 -39.11
N PRO B 2 21.20 -6.31 -39.14
CA PRO B 2 21.52 -7.19 -40.27
C PRO B 2 20.77 -8.52 -40.17
N ALA B 3 20.86 -9.29 -41.25
CA ALA B 3 20.23 -10.61 -41.30
C ALA B 3 20.74 -11.53 -40.20
N GLN B 4 21.95 -11.27 -39.68
CA GLN B 4 22.56 -12.12 -38.66
C GLN B 4 21.78 -12.11 -37.34
N VAL B 5 21.13 -11.01 -36.99
CA VAL B 5 20.62 -10.80 -35.63
C VAL B 5 19.12 -11.02 -35.61
N ALA B 6 18.66 -11.95 -34.78
CA ALA B 6 17.24 -12.29 -34.72
C ALA B 6 16.45 -11.16 -34.06
N PHE B 7 15.31 -10.80 -34.68
CA PHE B 7 14.39 -9.80 -34.14
C PHE B 7 13.23 -10.48 -33.43
N THR B 8 12.68 -9.80 -32.47
CA THR B 8 11.45 -10.29 -31.86
C THR B 8 10.27 -10.06 -32.81
N PRO B 9 9.30 -10.97 -32.84
CA PRO B 9 9.22 -12.19 -32.04
C PRO B 9 9.92 -13.33 -32.74
N TYR B 10 10.57 -14.23 -31.99
CA TYR B 10 11.21 -15.40 -32.55
C TYR B 10 11.06 -16.55 -31.57
N ALA B 11 11.06 -17.77 -32.08
CA ALA B 11 11.04 -18.92 -31.18
C ALA B 11 12.47 -19.23 -30.72
N PRO B 12 12.71 -19.37 -29.42
CA PRO B 12 14.09 -19.62 -28.97
C PRO B 12 14.51 -21.06 -29.28
N GLU B 13 15.78 -21.22 -29.64
CA GLU B 13 16.30 -22.54 -29.94
C GLU B 13 16.34 -23.40 -28.67
N PRO B 14 16.23 -24.72 -28.82
CA PRO B 14 16.37 -25.59 -27.63
C PRO B 14 17.68 -25.32 -26.91
N GLY B 15 17.58 -25.03 -25.62
CA GLY B 15 18.73 -24.64 -24.84
C GLY B 15 18.94 -23.16 -24.68
N SER B 16 17.92 -22.34 -24.92
CA SER B 16 18.05 -20.89 -24.91
C SER B 16 17.16 -20.27 -23.84
N THR B 17 17.51 -19.04 -23.50
CA THR B 17 16.60 -18.09 -22.87
C THR B 17 16.43 -16.92 -23.83
N CYS B 18 15.46 -16.05 -23.52
CA CYS B 18 15.28 -14.84 -24.30
C CYS B 18 16.33 -13.80 -23.88
N ARG B 19 16.50 -12.77 -24.71
CA ARG B 19 17.45 -11.72 -24.43
C ARG B 19 17.01 -10.91 -23.20
N LEU B 20 17.86 -9.94 -22.83
CA LEU B 20 17.66 -9.18 -21.59
C LEU B 20 16.33 -8.42 -21.59
N ARG B 21 16.02 -7.74 -22.70
CA ARG B 21 14.82 -6.90 -22.80
C ARG B 21 13.61 -7.66 -23.35
N GLU B 22 13.62 -9.00 -23.25
CA GLU B 22 12.61 -9.86 -23.84
C GLU B 22 12.04 -10.75 -22.75
N TYR B 23 10.86 -11.30 -23.02
CA TYR B 23 10.28 -12.31 -22.14
C TYR B 23 9.70 -13.39 -23.04
N TYR B 24 9.51 -14.58 -22.49
CA TYR B 24 8.94 -15.69 -23.26
C TYR B 24 7.43 -15.66 -23.09
N ASP B 25 6.72 -15.36 -24.16
CA ASP B 25 5.27 -15.27 -24.10
C ASP B 25 4.66 -16.64 -24.40
N GLN B 26 3.90 -17.17 -23.45
CA GLN B 26 3.35 -18.53 -23.55
C GLN B 26 2.25 -18.65 -24.60
N THR B 27 1.56 -17.56 -24.91
CA THR B 27 0.49 -17.63 -25.92
C THR B 27 1.08 -17.71 -27.32
N ALA B 28 2.04 -16.84 -27.62
CA ALA B 28 2.73 -16.91 -28.90
C ALA B 28 3.75 -18.04 -28.95
N GLN B 29 4.20 -18.53 -27.80
CA GLN B 29 5.35 -19.43 -27.71
C GLN B 29 6.55 -18.82 -28.41
N MET B 30 6.81 -17.55 -28.13
CA MET B 30 7.91 -16.81 -28.75
C MET B 30 8.57 -15.91 -27.72
N CYS B 31 9.84 -15.60 -27.96
CA CYS B 31 10.46 -14.45 -27.29
C CYS B 31 9.90 -13.16 -27.87
N CYS B 32 9.47 -12.25 -26.99
CA CYS B 32 8.83 -11.00 -27.34
C CYS B 32 9.44 -9.86 -26.54
N SER B 33 9.35 -8.63 -27.04
CA SER B 33 9.93 -7.49 -26.33
C SER B 33 9.14 -7.15 -25.07
N LYS B 34 9.86 -6.87 -23.99
CA LYS B 34 9.26 -6.19 -22.87
C LYS B 34 9.20 -4.69 -23.15
N CYS B 35 8.37 -4.00 -22.40
CA CYS B 35 8.27 -2.55 -22.47
C CYS B 35 9.08 -1.95 -21.33
N SER B 36 9.60 -0.76 -21.57
CA SER B 36 10.46 -0.14 -20.57
C SER B 36 9.65 0.42 -19.41
N PRO B 37 10.30 0.69 -18.28
CA PRO B 37 9.66 1.51 -17.24
C PRO B 37 9.15 2.81 -17.85
N GLY B 38 7.93 3.20 -17.47
CA GLY B 38 7.28 4.34 -18.08
C GLY B 38 6.41 4.01 -19.28
N GLN B 39 6.46 2.77 -19.77
CA GLN B 39 5.60 2.30 -20.85
C GLN B 39 4.88 1.03 -20.43
N HIS B 40 3.90 0.61 -21.23
CA HIS B 40 3.21 -0.67 -21.00
C HIS B 40 2.94 -1.34 -22.34
N ALA B 41 2.51 -2.62 -22.27
CA ALA B 41 2.15 -3.37 -23.47
C ALA B 41 0.75 -2.98 -23.91
N LYS B 42 0.65 -2.03 -24.84
CA LYS B 42 -0.66 -1.71 -25.41
C LYS B 42 -1.23 -2.88 -26.21
N VAL B 43 -0.37 -3.62 -26.93
CA VAL B 43 -0.75 -4.82 -27.69
C VAL B 43 0.25 -5.92 -27.39
N PHE B 44 -0.25 -7.10 -27.01
CA PHE B 44 0.64 -8.23 -26.79
C PHE B 44 1.19 -8.76 -28.13
N CYS B 45 2.37 -9.37 -28.07
CA CYS B 45 2.95 -9.94 -29.28
C CYS B 45 2.17 -11.17 -29.73
N THR B 46 2.26 -11.45 -31.03
CA THR B 46 1.75 -12.68 -31.64
C THR B 46 2.94 -13.41 -32.28
N LYS B 47 2.64 -14.45 -33.06
CA LYS B 47 3.72 -15.15 -33.74
C LYS B 47 4.36 -14.32 -34.84
N THR B 48 3.71 -13.26 -35.30
CA THR B 48 4.28 -12.47 -36.39
C THR B 48 4.47 -10.99 -36.09
N SER B 49 3.96 -10.48 -34.97
CA SER B 49 4.15 -9.07 -34.61
CA SER B 49 4.14 -9.07 -34.61
CA SER B 49 4.13 -9.07 -34.60
C SER B 49 4.63 -8.97 -33.17
N ASP B 50 5.52 -8.00 -32.91
CA ASP B 50 6.10 -7.80 -31.60
C ASP B 50 5.14 -7.01 -30.70
N THR B 51 5.43 -7.01 -29.40
CA THR B 51 4.75 -6.16 -28.44
C THR B 51 4.68 -4.72 -28.97
N VAL B 52 3.56 -4.06 -28.74
CA VAL B 52 3.44 -2.62 -28.98
C VAL B 52 3.48 -1.94 -27.61
N CYS B 53 4.48 -1.10 -27.38
CA CYS B 53 4.68 -0.41 -26.12
C CYS B 53 4.28 1.06 -26.25
N ASP B 54 3.40 1.52 -25.36
CA ASP B 54 2.97 2.92 -25.33
C ASP B 54 3.27 3.54 -23.97
N SER B 55 3.39 4.86 -23.96
CA SER B 55 3.76 5.58 -22.74
C SER B 55 2.63 5.55 -21.71
N CYS B 56 3.01 5.47 -20.43
CA CYS B 56 2.05 5.67 -19.35
C CYS B 56 1.51 7.09 -19.34
N GLU B 57 0.25 7.22 -18.97
CA GLU B 57 -0.41 8.50 -18.76
C GLU B 57 -0.12 9.01 -17.34
N ASP B 58 -0.22 10.33 -17.17
CA ASP B 58 0.00 10.97 -15.88
C ASP B 58 -0.87 10.32 -14.80
N SER B 59 -0.27 10.12 -13.62
CA SER B 59 -0.83 9.46 -12.41
C SER B 59 -0.83 7.94 -12.53
N THR B 60 -0.19 7.37 -13.55
CA THR B 60 0.04 5.93 -13.66
C THR B 60 1.54 5.71 -13.86
N TYR B 61 1.99 4.46 -13.70
CA TYR B 61 3.43 4.21 -13.73
C TYR B 61 3.68 2.73 -14.03
N THR B 62 4.91 2.44 -14.47
CA THR B 62 5.44 1.08 -14.44
C THR B 62 6.89 1.19 -13.99
N GLN B 63 7.29 0.40 -13.00
CA GLN B 63 8.58 0.59 -12.39
C GLN B 63 9.64 -0.32 -12.99
N LEU B 64 9.23 -1.41 -13.62
CA LEU B 64 10.10 -2.42 -14.15
C LEU B 64 9.85 -2.58 -15.65
N TRP B 65 10.85 -3.14 -16.34
CA TRP B 65 10.58 -3.71 -17.66
C TRP B 65 9.44 -4.72 -17.55
N ASN B 66 8.46 -4.62 -18.45
CA ASN B 66 7.16 -5.22 -18.15
C ASN B 66 6.43 -5.60 -19.43
N TRP B 67 5.33 -6.33 -19.24
CA TRP B 67 4.34 -6.48 -20.29
C TRP B 67 2.94 -6.44 -19.68
N VAL B 68 2.67 -5.45 -18.83
CA VAL B 68 1.31 -5.24 -18.31
C VAL B 68 0.43 -4.57 -19.35
N PRO B 69 -0.86 -4.92 -19.42
CA PRO B 69 -1.75 -4.37 -20.45
C PRO B 69 -2.14 -2.92 -20.23
N GLU B 70 -1.89 -2.37 -19.04
CA GLU B 70 -2.17 -0.98 -18.69
C GLU B 70 -1.18 -0.59 -17.60
N CYS B 71 -0.86 0.69 -17.47
CA CYS B 71 0.05 1.05 -16.39
C CYS B 71 -0.69 0.99 -15.05
N LEU B 72 0.08 0.82 -13.96
CA LEU B 72 -0.51 0.78 -12.62
C LEU B 72 -0.84 2.18 -12.14
N SER B 73 -1.89 2.29 -11.32
CA SER B 73 -2.23 3.59 -10.76
C SER B 73 -1.27 3.94 -9.64
N CYS B 74 -0.79 5.18 -9.64
CA CYS B 74 -0.14 5.71 -8.44
C CYS B 74 -1.11 5.76 -7.26
N GLY B 75 -0.57 5.59 -6.05
CA GLY B 75 -1.34 5.87 -4.85
C GLY B 75 -1.84 7.31 -4.85
N SER B 76 -2.91 7.56 -4.07
CA SER B 76 -3.48 8.89 -4.09
CA SER B 76 -3.50 8.89 -4.05
C SER B 76 -2.50 9.90 -3.53
N ARG B 77 -2.69 11.16 -3.94
CA ARG B 77 -1.87 12.25 -3.40
C ARG B 77 -1.96 12.27 -1.87
N CYS B 78 -0.83 12.61 -1.23
CA CYS B 78 -0.77 12.58 0.23
C CYS B 78 -1.68 13.65 0.82
N SER B 79 -2.22 13.38 2.00
CA SER B 79 -2.97 14.41 2.69
C SER B 79 -2.01 15.36 3.41
N SER B 80 -2.55 16.47 3.92
CA SER B 80 -1.70 17.50 4.51
C SER B 80 -0.98 17.01 5.76
N ASP B 81 -1.51 15.98 6.44
CA ASP B 81 -0.82 15.40 7.58
C ASP B 81 0.47 14.70 7.17
N GLN B 82 0.56 14.24 5.93
CA GLN B 82 1.63 13.35 5.50
C GLN B 82 2.74 14.12 4.80
N VAL B 83 3.83 13.42 4.53
CA VAL B 83 4.94 13.94 3.74
C VAL B 83 5.11 13.04 2.54
N GLU B 84 5.19 13.63 1.35
CA GLU B 84 5.41 12.85 0.13
C GLU B 84 6.91 12.63 0.00
N THR B 85 7.37 11.42 0.31
CA THR B 85 8.79 11.15 0.25
C THR B 85 9.23 10.60 -1.10
N GLN B 86 8.30 10.25 -1.98
CA GLN B 86 8.61 9.89 -3.35
C GLN B 86 7.47 10.35 -4.25
N ALA B 87 7.81 11.09 -5.31
CA ALA B 87 6.79 11.60 -6.21
C ALA B 87 6.27 10.50 -7.13
N CYS B 88 5.02 10.65 -7.55
CA CYS B 88 4.46 9.83 -8.63
C CYS B 88 5.05 10.32 -9.95
N THR B 89 5.73 9.42 -10.67
CA THR B 89 6.17 9.67 -12.04
C THR B 89 5.73 8.50 -12.90
N ARG B 90 5.97 8.59 -14.21
CA ARG B 90 5.63 7.46 -15.08
C ARG B 90 6.43 6.22 -14.77
N GLU B 91 7.51 6.33 -13.99
CA GLU B 91 8.39 5.20 -13.69
C GLU B 91 8.39 4.79 -12.22
N GLN B 92 7.63 5.46 -11.35
CA GLN B 92 7.65 5.08 -9.93
C GLN B 92 6.34 5.51 -9.28
N ASN B 93 5.93 4.74 -8.27
CA ASN B 93 4.75 5.01 -7.46
C ASN B 93 5.01 6.14 -6.47
N ARG B 94 3.93 6.81 -6.06
CA ARG B 94 4.00 7.78 -4.98
C ARG B 94 4.18 7.08 -3.63
N ILE B 95 4.94 7.69 -2.74
CA ILE B 95 5.10 7.17 -1.38
C ILE B 95 4.82 8.29 -0.38
N CYS B 96 3.87 8.06 0.51
CA CYS B 96 3.50 9.01 1.57
C CYS B 96 3.94 8.46 2.92
N THR B 97 4.47 9.32 3.77
CA THR B 97 4.96 8.89 5.07
C THR B 97 4.47 9.84 6.15
N CYS B 98 4.64 9.41 7.39
CA CYS B 98 4.23 10.19 8.54
C CYS B 98 5.39 11.00 9.09
N ARG B 99 5.07 12.14 9.69
CA ARG B 99 6.07 13.03 10.30
C ARG B 99 6.54 12.46 11.62
N PRO B 100 7.73 12.87 12.10
CA PRO B 100 8.14 12.49 13.46
C PRO B 100 7.08 12.93 14.46
N GLY B 101 6.90 12.12 15.50
CA GLY B 101 5.80 12.35 16.42
C GLY B 101 4.50 11.72 16.00
N TRP B 102 4.48 11.03 14.87
CA TRP B 102 3.30 10.38 14.33
C TRP B 102 3.65 8.92 13.99
N TYR B 103 2.64 8.07 13.97
CA TYR B 103 2.81 6.71 13.50
C TYR B 103 1.81 6.44 12.39
N CYS B 104 2.07 5.37 11.64
CA CYS B 104 1.21 4.97 10.54
C CYS B 104 0.11 4.07 11.08
N ALA B 105 -1.12 4.58 11.11
CA ALA B 105 -2.24 3.80 11.65
C ALA B 105 -2.74 2.76 10.64
N LEU B 106 -2.79 3.12 9.36
CA LEU B 106 -3.11 2.17 8.27
C LEU B 106 -1.92 2.15 7.32
N SER B 107 -1.20 1.03 7.30
CA SER B 107 0.04 0.94 6.55
C SER B 107 -0.20 0.37 5.15
N LYS B 108 0.55 0.88 4.17
CA LYS B 108 0.63 0.30 2.85
C LYS B 108 1.90 -0.52 2.71
N GLN B 109 1.95 -1.32 1.64
CA GLN B 109 3.18 -2.03 1.31
C GLN B 109 4.37 -1.09 1.31
N GLU B 110 4.22 0.08 0.69
CA GLU B 110 5.18 1.18 0.78
C GLU B 110 4.48 2.41 1.34
N GLY B 111 4.92 2.88 2.50
CA GLY B 111 4.35 4.10 3.03
C GLY B 111 3.05 3.87 3.77
N CYS B 112 2.25 4.94 3.83
CA CYS B 112 1.17 5.07 4.80
C CYS B 112 -0.05 5.70 4.16
N ARG B 113 -1.25 5.20 4.49
CA ARG B 113 -2.47 5.85 4.00
C ARG B 113 -3.23 6.58 5.09
N LEU B 114 -2.88 6.39 6.36
CA LEU B 114 -3.48 7.15 7.44
C LEU B 114 -2.47 7.26 8.57
N CYS B 115 -2.08 8.50 8.91
CA CYS B 115 -1.18 8.76 10.01
C CYS B 115 -1.97 9.23 11.24
N ALA B 116 -1.41 8.98 12.43
CA ALA B 116 -2.01 9.43 13.67
C ALA B 116 -0.94 9.91 14.62
N PRO B 117 -1.24 10.91 15.46
CA PRO B 117 -0.21 11.44 16.38
C PRO B 117 0.10 10.41 17.46
N LEU B 118 1.37 10.35 17.84
CA LEU B 118 1.76 9.47 18.93
C LEU B 118 1.14 9.98 20.23
N ARG B 119 0.70 9.06 21.07
CA ARG B 119 0.24 9.40 22.42
C ARG B 119 1.39 9.94 23.26
N LYS B 120 1.08 10.89 24.14
CA LYS B 120 2.05 11.38 25.11
C LYS B 120 1.65 10.92 26.50
N CYS B 121 2.60 10.30 27.22
CA CYS B 121 2.34 9.83 28.57
C CYS B 121 2.45 10.99 29.55
N ARG B 122 1.35 11.32 30.20
CA ARG B 122 1.25 12.47 31.10
C ARG B 122 2.08 12.25 32.38
N PRO B 123 2.24 13.27 33.22
CA PRO B 123 2.94 13.05 34.50
C PRO B 123 2.26 11.96 35.31
N GLY B 124 3.08 11.12 35.93
CA GLY B 124 2.60 9.93 36.59
C GLY B 124 2.59 8.71 35.71
N PHE B 125 2.89 8.86 34.42
CA PHE B 125 2.89 7.79 33.45
C PHE B 125 4.19 7.85 32.65
N GLY B 126 4.74 6.68 32.33
CA GLY B 126 5.95 6.60 31.54
C GLY B 126 5.76 5.71 30.33
N VAL B 127 6.71 5.83 29.38
CA VAL B 127 6.66 5.02 28.18
C VAL B 127 6.94 3.57 28.55
N ALA B 128 6.02 2.68 28.14
CA ALA B 128 6.19 1.23 28.30
C ALA B 128 6.66 0.56 27.02
N ARG B 129 6.09 0.92 25.87
CA ARG B 129 6.67 0.53 24.59
C ARG B 129 6.78 1.80 23.75
N PRO B 130 7.95 2.10 23.22
CA PRO B 130 8.11 3.29 22.38
C PRO B 130 7.31 3.17 21.09
N GLY B 131 6.99 4.32 20.52
CA GLY B 131 6.37 4.34 19.21
C GLY B 131 7.31 3.80 18.14
N THR B 132 6.73 3.26 17.08
CA THR B 132 7.46 2.78 15.93
C THR B 132 6.81 3.38 14.69
N GLU B 133 7.36 3.10 13.52
CA GLU B 133 6.78 3.70 12.32
C GLU B 133 5.32 3.28 12.14
N THR B 134 4.94 2.10 12.64
CA THR B 134 3.56 1.61 12.48
C THR B 134 2.82 1.38 13.79
N SER B 135 3.32 1.85 14.94
CA SER B 135 2.59 1.56 16.17
C SER B 135 2.73 2.71 17.18
N ASP B 136 1.62 2.97 17.90
CA ASP B 136 1.57 4.04 18.87
C ASP B 136 2.40 3.70 20.11
N VAL B 137 2.81 4.76 20.82
CA VAL B 137 3.41 4.61 22.14
C VAL B 137 2.42 3.89 23.05
N VAL B 138 2.94 3.03 23.93
CA VAL B 138 2.17 2.42 25.01
C VAL B 138 2.67 2.99 26.34
N CYS B 139 1.76 3.51 27.16
CA CYS B 139 2.11 4.08 28.46
C CYS B 139 1.84 3.09 29.60
N LYS B 140 2.46 3.37 30.74
CA LYS B 140 2.14 2.66 31.98
C LYS B 140 2.18 3.63 33.16
N PRO B 141 1.38 3.39 34.20
CA PRO B 141 1.51 4.19 35.42
C PRO B 141 2.79 3.85 36.15
N CYS B 142 3.46 4.86 36.69
CA CYS B 142 4.71 4.62 37.37
C CYS B 142 4.44 3.95 38.72
N ALA B 143 5.16 2.87 39.00
CA ALA B 143 5.01 2.16 40.26
C ALA B 143 5.78 2.89 41.37
N PRO B 144 5.43 2.64 42.64
CA PRO B 144 6.13 3.31 43.74
C PRO B 144 7.64 3.15 43.63
N GLY B 145 8.36 4.21 43.99
CA GLY B 145 9.78 4.26 43.79
C GLY B 145 10.23 4.90 42.51
N THR B 146 9.29 5.18 41.59
CA THR B 146 9.60 5.75 40.29
C THR B 146 8.60 6.86 39.98
N PHE B 147 8.93 7.68 38.98
CA PHE B 147 8.08 8.83 38.67
C PHE B 147 8.32 9.32 37.25
N SER B 148 7.38 10.12 36.78
CA SER B 148 7.53 10.89 35.55
C SER B 148 6.86 12.23 35.77
N ASN B 149 7.64 13.31 35.65
CA ASN B 149 7.11 14.65 35.85
C ASN B 149 6.90 15.40 34.53
N THR B 150 6.80 14.68 33.41
CA THR B 150 6.65 15.30 32.11
C THR B 150 5.51 14.64 31.32
N THR B 151 5.04 15.37 30.30
CA THR B 151 4.11 14.85 29.30
C THR B 151 4.93 14.58 28.03
N SER B 152 5.10 13.30 27.70
CA SER B 152 6.12 12.98 26.70
C SER B 152 5.88 11.62 26.08
N SER B 153 6.15 11.51 24.78
CA SER B 153 6.09 10.23 24.09
CA SER B 153 6.10 10.24 24.05
C SER B 153 7.35 9.41 24.23
N THR B 154 8.37 9.89 24.94
CA THR B 154 9.59 9.11 25.08
C THR B 154 10.05 8.94 26.54
N ASP B 155 9.72 9.90 27.43
CA ASP B 155 10.19 9.85 28.82
C ASP B 155 9.63 8.62 29.55
N ILE B 156 10.50 7.92 30.27
CA ILE B 156 10.13 6.69 30.97
C ILE B 156 9.96 6.99 32.46
N CYS B 157 9.41 6.02 33.19
CA CYS B 157 9.33 6.13 34.64
C CYS B 157 10.72 5.95 35.22
N ARG B 158 11.22 6.96 35.93
CA ARG B 158 12.60 6.88 36.41
C ARG B 158 12.63 6.85 37.94
N PRO B 159 13.68 6.27 38.54
CA PRO B 159 13.67 6.09 40.00
C PRO B 159 13.66 7.41 40.76
N HIS B 160 12.99 7.38 41.91
CA HIS B 160 13.16 8.45 42.89
C HIS B 160 14.61 8.50 43.33
N GLN B 161 15.07 9.68 43.73
CA GLN B 161 16.36 9.75 44.38
C GLN B 161 16.31 9.01 45.71
N ILE B 162 17.44 8.51 46.12
CA ILE B 162 17.52 7.84 47.41
C ILE B 162 17.83 8.89 48.46
N CYS B 163 17.24 8.72 49.64
CA CYS B 163 17.71 9.47 50.80
C CYS B 163 17.07 8.90 52.04
N ASN B 164 17.83 8.97 53.14
CA ASN B 164 17.40 8.35 54.39
C ASN B 164 16.30 9.17 55.05
N VAL B 165 16.36 10.49 54.97
CA VAL B 165 15.46 11.35 55.73
C VAL B 165 14.58 12.11 54.74
N VAL B 166 13.35 11.66 54.57
CA VAL B 166 12.47 12.18 53.53
C VAL B 166 11.72 13.39 54.09
N ALA B 167 11.82 14.53 53.40
CA ALA B 167 11.01 15.69 53.79
C ALA B 167 9.61 15.59 53.17
N ILE B 168 9.54 15.30 51.88
CA ILE B 168 8.28 15.09 51.17
C ILE B 168 8.47 13.84 50.34
N PRO B 169 7.68 12.78 50.53
CA PRO B 169 7.88 11.56 49.76
C PRO B 169 7.58 11.76 48.28
N GLY B 170 8.29 11.00 47.45
CA GLY B 170 8.00 10.99 46.03
C GLY B 170 6.72 10.24 45.72
N ASN B 171 6.11 10.60 44.59
CA ASN B 171 4.93 9.90 44.11
C ASN B 171 5.12 9.61 42.62
N ALA B 172 4.04 9.25 41.93
CA ALA B 172 4.14 8.85 40.54
C ALA B 172 4.53 10.01 39.62
N SER B 173 4.33 11.26 40.03
CA SER B 173 4.63 12.39 39.17
C SER B 173 5.66 13.36 39.77
N MET B 174 6.32 13.00 40.88
CA MET B 174 7.36 13.91 41.35
C MET B 174 8.36 13.15 42.19
N ASP B 175 9.59 13.65 42.19
CA ASP B 175 10.67 13.05 42.94
C ASP B 175 10.48 13.29 44.44
N ALA B 176 11.07 12.42 45.25
CA ALA B 176 11.13 12.70 46.67
C ALA B 176 11.97 13.97 46.90
N VAL B 177 11.57 14.73 47.92
CA VAL B 177 12.35 15.91 48.37
C VAL B 177 13.08 15.50 49.65
N CYS B 178 14.41 15.65 49.68
CA CYS B 178 15.20 15.12 50.83
C CYS B 178 15.66 16.21 51.80
N THR B 179 15.56 15.93 53.11
CA THR B 179 16.00 16.88 54.16
C THR B 179 17.53 16.96 54.19
#